data_7X2S
#
_entry.id   7X2S
#
_cell.length_a   79.280
_cell.length_b   79.280
_cell.length_c   164.931
_cell.angle_alpha   90.000
_cell.angle_beta   90.000
_cell.angle_gamma   90.000
#
_symmetry.space_group_name_H-M   'P 43 21 2'
#
loop_
_entity.id
_entity.type
_entity.pdbx_description
1 polymer PycR1
2 branched alpha-D-mannopyranose-(1-2)-alpha-D-mannopyranose-(1-6)-[alpha-D-mannopyranose-(1-3)]alpha-D-mannopyranose-(1-6)-beta-D-mannopyranose-(1-4)-2-acetamido-2-deoxy-beta-D-glucopyranose-(1-4)-2-acetamido-2-deoxy-beta-D-glucopyranose
3 branched 2-acetamido-2-deoxy-beta-D-glucopyranose-(1-4)-2-acetamido-2-deoxy-beta-D-glucopyranose
4 non-polymer (1~{S},3~{R},11~{R},13~{S},14~{Z},18~{E})-1,8,14,17,17-pentamethyl-5,13-bis(oxidanyl)-2-oxatricyclo[9.9.0.0^{3,9}]icosa-4,7,9,14,18-pentaen-6-one
5 non-polymer 6-methyl-7-methylidene-3-oxidanyl-cyclohepta-2,5-diene-1,4-dione
6 non-polymer 1,2-ETHANEDIOL
7 non-polymer '2-(N-MORPHOLINO)-ETHANESULFONIC ACID'
8 non-polymer 'CALCIUM ION'
9 non-polymer 'DIMETHYL SULFOXIDE'
10 non-polymer GLYCEROL
11 water water
#
_entity_poly.entity_id   1
_entity_poly.type   'polypeptide(L)'
_entity_poly.pdbx_seq_one_letter_code
;MGSSHHHHHHSSGLVPRGSHMKLLATAIAGLAIVGQPLASASPTARTDVKLPLPQRLLHDWANGSWVENISVRPNGNLLV
STSTPDGSVWQIKEPWKDQPEVELVYNFDQWVDRLIGIGETTPDKYVVVGSRFYSTDPMSSHVDRTFAAMELDFSGSANK
DKPAVRLIAWFPDAHLLQGVAALPWDRTKVLISDQYLLRPRAAPQKDWTPARGQVWTLDTVTGAHEVVFANDTALDTTYR
HGYDVGINGIKIRRDWLYWVNSDDGNIYRLKIDKTGHAVPPAKPEVVAFQDTIWDDFTFGPEHEDTIWATGFNAIFAASP
QGKVVTVNGVGTSDNGIMPGPTACAFGRSPHDRNILYVTGNMGEIPVDIEHVHLKGWVRAIDTTGFHF
;
_entity_poly.pdbx_strand_id   A
#
loop_
_chem_comp.id
_chem_comp.type
_chem_comp.name
_chem_comp.formula
80W non-polymer 6-methyl-7-methylidene-3-oxidanyl-cyclohepta-2,5-diene-1,4-dione 'C9 H8 O3'
813 non-polymer (1~{S},3~{R},11~{R},13~{S},14~{Z},18~{E})-1,8,14,17,17-pentamethyl-5,13-bis(oxidanyl)-2-oxatricyclo[9.9.0.0^{3,9}]icosa-4,7,9,14,18-pentaen-6-one 'C24 H32 O4'
BMA D-saccharide, beta linking beta-D-mannopyranose 'C6 H12 O6'
CA non-polymer 'CALCIUM ION' 'Ca 2'
DMS non-polymer 'DIMETHYL SULFOXIDE' 'C2 H6 O S'
EDO non-polymer 1,2-ETHANEDIOL 'C2 H6 O2'
GOL non-polymer GLYCEROL 'C3 H8 O3'
MAN D-saccharide, alpha linking alpha-D-mannopyranose 'C6 H12 O6'
MES non-polymer '2-(N-MORPHOLINO)-ETHANESULFONIC ACID' 'C6 H13 N O4 S'
NAG D-saccharide, beta linking 2-acetamido-2-deoxy-beta-D-glucopyranose 'C8 H15 N O6'
#
# COMPACT_ATOMS: atom_id res chain seq x y z
N VAL A 49 -27.14 -5.39 -1.41
CA VAL A 49 -26.44 -6.66 -1.23
C VAL A 49 -26.15 -7.32 -2.56
N LYS A 50 -26.41 -6.63 -3.66
CA LYS A 50 -26.08 -7.18 -4.97
C LYS A 50 -24.58 -7.07 -5.19
N LEU A 51 -23.98 -8.14 -5.65
CA LEU A 51 -22.58 -8.16 -6.01
C LEU A 51 -22.46 -8.38 -7.51
N PRO A 52 -21.47 -7.74 -8.17
CA PRO A 52 -20.44 -6.89 -7.55
C PRO A 52 -20.94 -5.51 -7.17
N LEU A 53 -20.21 -4.84 -6.27
CA LEU A 53 -20.58 -3.50 -5.85
C LEU A 53 -20.46 -2.50 -7.01
N PRO A 54 -21.20 -1.40 -6.95
CA PRO A 54 -21.05 -0.38 -8.00
C PRO A 54 -19.67 0.25 -7.97
N GLN A 55 -19.15 0.56 -9.17
CA GLN A 55 -17.83 1.16 -9.24
C GLN A 55 -17.78 2.11 -10.42
N ARG A 56 -16.85 3.05 -10.36
CA ARG A 56 -16.60 3.98 -11.46
C ARG A 56 -15.13 4.32 -11.49
N LEU A 57 -14.68 4.81 -12.65
CA LEU A 57 -13.30 5.17 -12.86
C LEU A 57 -13.10 6.66 -12.58
N LEU A 58 -12.09 6.99 -11.76
CA LEU A 58 -11.78 8.41 -11.53
C LEU A 58 -10.77 8.97 -12.53
N HIS A 59 -9.69 8.23 -12.80
CA HIS A 59 -8.61 8.77 -13.64
C HIS A 59 -7.70 7.64 -14.07
N ASP A 60 -7.21 7.72 -15.31
CA ASP A 60 -6.18 6.85 -15.86
C ASP A 60 -4.90 7.66 -16.03
N TRP A 61 -3.76 7.07 -15.69
CA TRP A 61 -2.49 7.67 -16.08
C TRP A 61 -2.07 7.06 -17.42
N ALA A 62 -0.89 7.41 -17.91
CA ALA A 62 -0.47 6.94 -19.23
C ALA A 62 0.07 5.50 -19.16
N ASN A 63 0.16 4.87 -20.33
CA ASN A 63 0.80 3.56 -20.40
C ASN A 63 2.19 3.66 -19.77
N GLY A 64 2.58 2.62 -19.03
CA GLY A 64 3.87 2.61 -18.37
C GLY A 64 3.87 3.10 -16.94
N SER A 65 2.79 3.72 -16.50
CA SER A 65 2.68 4.27 -15.15
C SER A 65 2.19 3.20 -14.17
N TRP A 66 2.32 3.49 -12.88
CA TRP A 66 2.04 2.50 -11.82
C TRP A 66 1.66 3.26 -10.56
N VAL A 67 0.41 3.15 -10.14
CA VAL A 67 -0.03 3.79 -8.89
C VAL A 67 -0.04 2.73 -7.80
N GLU A 68 0.76 2.95 -6.75
CA GLU A 68 1.14 1.89 -5.82
C GLU A 68 0.42 1.94 -4.47
N ASN A 69 0.06 3.12 -3.96
CA ASN A 69 -0.62 3.16 -2.66
C ASN A 69 -1.37 4.48 -2.51
N ILE A 70 -2.12 4.59 -1.41
CA ILE A 70 -3.06 5.72 -1.28
C ILE A 70 -3.25 6.10 0.18
N SER A 71 -3.31 7.41 0.46
CA SER A 71 -3.75 7.97 1.72
C SER A 71 -4.79 9.04 1.45
N VAL A 72 -5.85 9.10 2.28
CA VAL A 72 -6.88 10.13 2.14
C VAL A 72 -6.63 11.24 3.15
N ARG A 73 -6.65 12.50 2.68
CA ARG A 73 -6.45 13.64 3.55
C ARG A 73 -7.69 13.86 4.44
N PRO A 74 -7.52 14.57 5.55
CA PRO A 74 -8.70 14.91 6.37
C PRO A 74 -9.77 15.66 5.57
N ASN A 75 -9.38 16.50 4.63
CA ASN A 75 -10.35 17.18 3.79
C ASN A 75 -10.91 16.29 2.68
N GLY A 76 -10.51 15.02 2.62
CA GLY A 76 -11.11 14.07 1.69
C GLY A 76 -10.40 13.91 0.36
N ASN A 77 -9.41 14.75 0.04
CA ASN A 77 -8.66 14.57 -1.19
C ASN A 77 -7.80 13.30 -1.11
N LEU A 78 -7.57 12.65 -2.25
CA LEU A 78 -6.71 11.48 -2.31
C LEU A 78 -5.26 11.87 -2.57
N LEU A 79 -4.33 11.23 -1.87
CA LEU A 79 -2.90 11.31 -2.20
C LEU A 79 -2.45 9.92 -2.61
N VAL A 80 -1.88 9.79 -3.82
CA VAL A 80 -1.48 8.48 -4.31
C VAL A 80 0.01 8.50 -4.66
N SER A 81 0.70 7.38 -4.39
CA SER A 81 2.13 7.28 -4.69
C SER A 81 2.31 6.49 -5.99
N THR A 82 3.30 6.89 -6.80
CA THR A 82 3.58 6.17 -8.04
C THR A 82 4.96 5.53 -7.98
N SER A 83 5.09 4.37 -8.61
CA SER A 83 6.40 3.72 -8.77
C SER A 83 7.04 4.02 -10.11
N THR A 84 6.27 4.06 -11.18
CA THR A 84 6.75 4.40 -12.50
C THR A 84 5.77 5.38 -13.13
N PRO A 85 6.21 6.17 -14.12
CA PRO A 85 7.57 6.26 -14.67
C PRO A 85 8.52 7.01 -13.75
N ASP A 86 7.97 7.61 -12.69
CA ASP A 86 8.78 8.28 -11.69
C ASP A 86 8.14 8.07 -10.32
N GLY A 87 8.87 8.46 -9.27
CA GLY A 87 8.40 8.33 -7.90
C GLY A 87 7.80 9.65 -7.42
N SER A 88 6.49 9.76 -7.55
CA SER A 88 5.77 11.01 -7.28
C SER A 88 4.54 10.75 -6.41
N VAL A 89 4.06 11.80 -5.77
CA VAL A 89 2.74 11.82 -5.14
C VAL A 89 1.85 12.73 -5.99
N TRP A 90 0.67 12.23 -6.35
CA TRP A 90 -0.35 12.97 -7.05
C TRP A 90 -1.53 13.19 -6.12
N GLN A 91 -2.29 14.25 -6.35
CA GLN A 91 -3.50 14.53 -5.58
C GLN A 91 -4.73 14.45 -6.50
N ILE A 92 -5.77 13.76 -6.02
CA ILE A 92 -7.08 13.83 -6.64
C ILE A 92 -7.95 14.68 -5.72
N LYS A 93 -8.30 15.87 -6.18
CA LYS A 93 -9.03 16.82 -5.36
C LYS A 93 -10.51 16.56 -5.48
N GLU A 94 -11.22 16.53 -4.33
CA GLU A 94 -12.67 16.33 -4.31
C GLU A 94 -13.02 15.12 -5.17
N PRO A 95 -12.62 13.91 -4.77
CA PRO A 95 -12.75 12.73 -5.64
C PRO A 95 -14.19 12.25 -5.84
N TRP A 96 -15.14 12.74 -5.02
CA TRP A 96 -16.56 12.43 -5.24
C TRP A 96 -17.14 13.06 -6.52
N LYS A 97 -16.48 14.05 -7.10
CA LYS A 97 -16.91 14.59 -8.38
C LYS A 97 -16.82 13.53 -9.48
N ASP A 98 -17.65 13.71 -10.53
CA ASP A 98 -17.58 12.83 -11.69
C ASP A 98 -16.20 12.90 -12.35
N GLN A 99 -15.65 14.09 -12.48
N GLN A 99 -15.65 14.11 -12.51
CA GLN A 99 -14.36 14.32 -13.14
CA GLN A 99 -14.36 14.34 -13.14
C GLN A 99 -13.51 15.20 -12.22
C GLN A 99 -13.52 15.21 -12.22
N PRO A 100 -12.89 14.62 -11.20
CA PRO A 100 -12.09 15.42 -10.27
C PRO A 100 -10.77 15.87 -10.89
N GLU A 101 -10.24 16.98 -10.39
CA GLU A 101 -8.92 17.45 -10.80
C GLU A 101 -7.83 16.51 -10.27
N VAL A 102 -6.84 16.21 -11.12
CA VAL A 102 -5.72 15.35 -10.72
C VAL A 102 -4.44 16.11 -11.01
N GLU A 103 -3.62 16.32 -9.98
CA GLU A 103 -2.48 17.22 -10.07
C GLU A 103 -1.27 16.58 -9.42
N LEU A 104 -0.10 16.77 -10.03
CA LEU A 104 1.15 16.35 -9.43
C LEU A 104 1.45 17.19 -8.20
N VAL A 105 1.72 16.54 -7.08
CA VAL A 105 2.13 17.23 -5.86
C VAL A 105 3.65 17.37 -5.83
N TYR A 106 4.37 16.26 -5.96
CA TYR A 106 5.81 16.34 -5.82
C TYR A 106 6.44 15.13 -6.48
N ASN A 107 7.52 15.35 -7.22
CA ASN A 107 8.36 14.28 -7.78
C ASN A 107 9.59 14.15 -6.90
N PHE A 108 9.82 12.96 -6.34
CA PHE A 108 10.85 12.76 -5.33
C PHE A 108 12.20 12.36 -5.93
N ASP A 109 12.42 12.67 -7.21
CA ASP A 109 13.63 12.34 -7.94
C ASP A 109 14.91 12.70 -7.18
N GLN A 110 14.90 13.80 -6.42
CA GLN A 110 16.11 14.17 -5.67
C GLN A 110 16.69 12.99 -4.90
N TRP A 111 15.83 12.14 -4.36
CA TRP A 111 16.28 11.03 -3.51
C TRP A 111 16.00 9.65 -4.08
N VAL A 112 14.95 9.47 -4.90
CA VAL A 112 14.49 8.13 -5.29
C VAL A 112 14.00 8.15 -6.73
N ASP A 113 14.06 6.97 -7.38
CA ASP A 113 13.47 6.73 -8.71
C ASP A 113 12.02 6.30 -8.63
N ARG A 114 11.63 5.65 -7.54
CA ARG A 114 10.29 5.10 -7.33
C ARG A 114 9.84 5.36 -5.89
N LEU A 115 8.54 5.54 -5.70
CA LEU A 115 7.91 5.46 -4.39
C LEU A 115 7.13 4.15 -4.28
N ILE A 116 7.00 3.65 -3.05
CA ILE A 116 6.20 2.47 -2.82
C ILE A 116 5.02 2.92 -1.94
N GLY A 117 5.10 2.67 -0.63
CA GLY A 117 3.95 2.92 0.23
C GLY A 117 3.83 4.37 0.67
N ILE A 118 2.65 4.73 1.19
CA ILE A 118 2.40 6.04 1.79
C ILE A 118 1.55 5.81 3.05
N GLY A 119 1.78 6.61 4.09
CA GLY A 119 0.86 6.60 5.23
C GLY A 119 0.82 7.92 6.00
N GLU A 120 -0.37 8.32 6.45
CA GLU A 120 -0.50 9.55 7.25
C GLU A 120 0.11 9.33 8.64
N THR A 121 0.81 10.35 9.13
CA THR A 121 1.27 10.31 10.51
C THR A 121 0.38 11.21 11.39
N THR A 122 0.89 12.35 11.85
CA THR A 122 0.03 13.34 12.51
C THR A 122 -0.84 13.98 11.43
N PRO A 123 -1.89 14.72 11.79
CA PRO A 123 -2.88 15.14 10.79
C PRO A 123 -2.27 15.89 9.62
N ASP A 124 -2.53 15.37 8.41
CA ASP A 124 -2.12 15.97 7.15
C ASP A 124 -0.60 16.06 7.01
N LYS A 125 0.14 15.17 7.67
CA LYS A 125 1.51 14.87 7.30
C LYS A 125 1.56 13.43 6.83
N TYR A 126 2.46 13.12 5.88
CA TYR A 126 2.51 11.79 5.26
C TYR A 126 3.95 11.34 5.12
N VAL A 127 4.18 10.04 5.31
CA VAL A 127 5.48 9.41 5.06
C VAL A 127 5.35 8.58 3.79
N VAL A 128 6.29 8.74 2.87
CA VAL A 128 6.43 7.85 1.73
C VAL A 128 7.80 7.18 1.80
N VAL A 129 7.90 5.97 1.23
CA VAL A 129 9.18 5.30 1.14
C VAL A 129 9.50 5.02 -0.33
N GLY A 130 10.80 4.89 -0.64
CA GLY A 130 11.22 4.62 -2.01
C GLY A 130 12.72 4.40 -2.09
N SER A 131 13.19 4.19 -3.33
CA SER A 131 14.59 3.85 -3.60
C SER A 131 14.90 4.10 -5.07
N ARG A 132 16.17 3.89 -5.44
CA ARG A 132 16.52 3.82 -6.84
C ARG A 132 16.15 2.43 -7.36
N PHE A 133 15.93 2.35 -8.68
CA PHE A 133 15.60 1.09 -9.35
C PHE A 133 16.42 0.98 -10.61
N TYR A 134 16.85 -0.24 -10.97
CA TYR A 134 17.71 -0.42 -12.14
C TYR A 134 17.06 0.08 -13.43
N SER A 135 15.74 -0.06 -13.57
CA SER A 135 15.02 0.46 -14.73
C SER A 135 13.53 0.65 -14.39
N THR A 136 12.79 1.27 -15.34
CA THR A 136 11.34 1.45 -15.19
C THR A 136 10.54 0.21 -15.61
N ASP A 137 11.21 -0.87 -16.02
CA ASP A 137 10.52 -2.10 -16.41
C ASP A 137 9.68 -2.65 -15.26
N PRO A 138 8.51 -3.25 -15.56
CA PRO A 138 7.70 -3.83 -14.47
C PRO A 138 8.43 -4.87 -13.67
N MET A 139 9.43 -5.54 -14.25
CA MET A 139 10.18 -6.59 -13.56
C MET A 139 11.45 -6.08 -12.91
N SER A 140 11.75 -4.78 -13.01
CA SER A 140 13.02 -4.27 -12.52
C SER A 140 13.16 -4.53 -11.03
N SER A 141 14.38 -4.87 -10.62
CA SER A 141 14.68 -4.98 -9.21
C SER A 141 15.06 -3.59 -8.67
N HIS A 142 14.97 -3.42 -7.35
CA HIS A 142 15.48 -2.20 -6.74
C HIS A 142 17.01 -2.22 -6.72
N VAL A 143 17.62 -1.08 -6.47
CA VAL A 143 19.08 -1.03 -6.25
C VAL A 143 19.34 -1.13 -4.75
N ASP A 144 20.05 -2.18 -4.36
CA ASP A 144 20.33 -2.42 -2.95
C ASP A 144 20.96 -1.21 -2.29
N ARG A 145 20.48 -0.92 -1.08
CA ARG A 145 21.00 0.05 -0.12
C ARG A 145 20.58 1.48 -0.49
N THR A 146 19.61 1.65 -1.39
CA THR A 146 19.16 3.00 -1.75
C THR A 146 17.81 3.38 -1.17
N PHE A 147 17.27 2.63 -0.23
CA PHE A 147 15.96 2.98 0.28
C PHE A 147 16.00 4.19 1.21
N ALA A 148 14.87 4.90 1.24
CA ALA A 148 14.73 6.14 2.00
C ALA A 148 13.29 6.34 2.44
N ALA A 149 13.10 7.17 3.47
CA ALA A 149 11.78 7.64 3.90
C ALA A 149 11.74 9.16 3.86
N MET A 150 10.67 9.70 3.27
CA MET A 150 10.53 11.14 3.07
C MET A 150 9.18 11.57 3.63
N GLU A 151 9.03 12.87 3.88
CA GLU A 151 7.80 13.40 4.48
C GLU A 151 7.16 14.43 3.55
N LEU A 152 5.82 14.40 3.45
CA LEU A 152 5.05 15.50 2.87
C LEU A 152 4.27 16.14 3.99
N ASP A 153 4.47 17.45 4.19
CA ASP A 153 3.83 18.16 5.30
C ASP A 153 2.83 19.15 4.73
N PHE A 154 1.54 18.82 4.86
CA PHE A 154 0.45 19.72 4.46
C PHE A 154 -0.10 20.53 5.64
N SER A 155 0.40 20.32 6.84
CA SER A 155 -0.19 20.96 8.02
C SER A 155 0.20 22.44 8.07
N GLY A 156 -0.74 23.27 8.54
CA GLY A 156 -0.44 24.66 8.80
C GLY A 156 -0.67 25.57 7.60
N SER A 157 -0.81 26.88 7.92
CA SER A 157 -1.18 27.89 6.94
C SER A 157 -0.35 27.81 5.66
N ALA A 158 0.98 27.78 5.82
CA ALA A 158 1.89 27.90 4.68
C ALA A 158 1.88 26.67 3.76
N ASN A 159 1.45 25.50 4.25
CA ASN A 159 1.64 24.24 3.54
C ASN A 159 0.37 23.59 3.00
N LYS A 160 -0.82 24.14 3.27
CA LYS A 160 -2.01 23.31 3.05
C LYS A 160 -2.38 23.14 1.57
N ASP A 161 -1.76 23.88 0.66
CA ASP A 161 -1.86 23.58 -0.77
C ASP A 161 -0.54 23.17 -1.39
N LYS A 162 0.56 23.84 -1.04
CA LYS A 162 1.90 23.38 -1.44
C LYS A 162 2.61 22.78 -0.24
N PRO A 163 2.79 21.47 -0.17
CA PRO A 163 3.37 20.87 1.06
C PRO A 163 4.87 21.14 1.16
N ALA A 164 5.37 21.06 2.39
CA ALA A 164 6.81 21.07 2.59
C ALA A 164 7.27 19.61 2.61
N VAL A 165 8.33 19.32 1.86
CA VAL A 165 8.82 17.96 1.67
C VAL A 165 10.24 17.88 2.17
N ARG A 166 10.58 16.78 2.84
CA ARG A 166 11.95 16.58 3.31
C ARG A 166 12.33 15.10 3.33
N LEU A 167 13.64 14.86 3.41
CA LEU A 167 14.19 13.52 3.64
CA LEU A 167 14.15 13.52 3.64
C LEU A 167 14.21 13.24 5.14
N ILE A 168 13.59 12.14 5.56
CA ILE A 168 13.60 11.81 6.99
C ILE A 168 14.83 11.00 7.36
N ALA A 169 15.05 9.87 6.68
CA ALA A 169 16.14 8.97 7.05
C ALA A 169 16.45 8.05 5.88
N TRP A 170 17.73 7.73 5.72
CA TRP A 170 18.17 6.66 4.83
C TRP A 170 18.08 5.30 5.54
N PHE A 171 17.73 4.26 4.77
CA PHE A 171 17.65 2.89 5.27
C PHE A 171 18.53 1.96 4.42
N PRO A 172 19.85 2.15 4.42
CA PRO A 172 20.70 1.35 3.52
C PRO A 172 20.72 -0.14 3.85
N ASP A 173 20.42 -0.55 5.07
CA ASP A 173 20.43 -1.96 5.43
C ASP A 173 19.08 -2.60 5.19
N ALA A 174 18.04 -1.83 4.86
CA ALA A 174 16.75 -2.45 4.54
C ALA A 174 16.85 -3.18 3.21
N HIS A 175 15.85 -4.01 2.92
CA HIS A 175 15.80 -4.69 1.64
C HIS A 175 14.83 -3.95 0.71
N LEU A 176 13.51 -4.05 0.93
CA LEU A 176 12.56 -3.24 0.17
C LEU A 176 11.48 -2.74 1.10
N LEU A 177 11.49 -1.43 1.40
CA LEU A 177 10.42 -0.85 2.19
C LEU A 177 9.12 -0.86 1.38
N GLN A 178 8.02 -1.22 2.04
CA GLN A 178 6.77 -1.51 1.34
C GLN A 178 5.61 -0.66 1.87
N GLY A 179 5.02 -1.03 3.01
CA GLY A 179 3.87 -0.34 3.57
C GLY A 179 4.22 0.45 4.83
N VAL A 180 3.48 1.55 5.06
CA VAL A 180 3.74 2.50 6.13
C VAL A 180 2.45 2.65 6.95
N ALA A 181 2.56 2.49 8.28
CA ALA A 181 1.39 2.68 9.15
C ALA A 181 1.79 3.36 10.46
N ALA A 182 1.09 4.45 10.81
CA ALA A 182 1.40 5.18 12.04
C ALA A 182 0.89 4.46 13.28
N LEU A 183 1.66 4.52 14.37
CA LEU A 183 1.18 4.08 15.68
C LEU A 183 0.03 4.99 16.13
N PRO A 184 -1.21 4.48 16.28
CA PRO A 184 -2.33 5.39 16.57
C PRO A 184 -2.22 6.11 17.91
N TRP A 185 -1.50 5.56 18.88
CA TRP A 185 -1.30 6.24 20.16
C TRP A 185 -0.12 7.20 20.14
N ASP A 186 0.69 7.20 19.08
CA ASP A 186 1.87 8.04 19.01
C ASP A 186 2.22 8.27 17.54
N ARG A 187 1.49 9.19 16.91
CA ARG A 187 1.38 9.19 15.46
C ARG A 187 2.62 9.78 14.76
N THR A 188 3.56 10.35 15.51
CA THR A 188 4.84 10.75 14.91
C THR A 188 5.72 9.55 14.56
N LYS A 189 5.39 8.36 15.04
CA LYS A 189 6.13 7.13 14.75
C LYS A 189 5.33 6.23 13.82
N VAL A 190 6.02 5.58 12.87
CA VAL A 190 5.37 4.62 11.97
C VAL A 190 6.09 3.28 12.02
N LEU A 191 5.34 2.21 11.74
CA LEU A 191 5.93 0.95 11.32
C LEU A 191 6.01 0.89 9.80
N ILE A 192 6.99 0.14 9.29
CA ILE A 192 7.23 0.01 7.85
C ILE A 192 7.57 -1.44 7.53
N SER A 193 6.78 -2.08 6.66
CA SER A 193 7.13 -3.44 6.27
C SER A 193 8.29 -3.45 5.26
N ASP A 194 8.98 -4.58 5.19
CA ASP A 194 10.24 -4.67 4.44
C ASP A 194 10.43 -6.12 3.98
N GLN A 195 10.21 -6.38 2.69
CA GLN A 195 10.60 -7.67 2.10
C GLN A 195 10.70 -7.58 0.58
N TYR A 196 11.79 -8.13 0.02
CA TYR A 196 11.93 -8.52 -1.39
C TYR A 196 13.30 -9.18 -1.55
N LEU A 197 13.89 -9.12 -2.75
CA LEU A 197 15.12 -9.84 -3.05
C LEU A 197 16.27 -9.45 -2.10
N LEU A 198 17.00 -10.47 -1.62
CA LEU A 198 18.23 -10.24 -0.88
C LEU A 198 19.33 -9.67 -1.76
N ARG A 199 19.37 -10.06 -3.05
CA ARG A 199 20.44 -9.65 -3.97
C ARG A 199 19.85 -9.10 -5.26
N PRO A 200 19.20 -7.95 -5.19
CA PRO A 200 18.64 -7.35 -6.40
C PRO A 200 19.75 -6.88 -7.33
N ARG A 201 19.57 -7.12 -8.64
CA ARG A 201 20.58 -6.80 -9.64
C ARG A 201 19.92 -6.29 -10.91
N ALA A 202 20.76 -5.71 -11.78
CA ALA A 202 20.35 -5.38 -13.13
C ALA A 202 19.86 -6.62 -13.88
N ALA A 203 18.88 -6.42 -14.75
CA ALA A 203 18.37 -7.52 -15.56
C ALA A 203 19.52 -8.13 -16.36
N PRO A 204 19.54 -9.45 -16.57
CA PRO A 204 18.55 -10.41 -16.07
C PRO A 204 18.79 -10.80 -14.62
N GLN A 205 17.74 -10.72 -13.79
CA GLN A 205 17.83 -11.20 -12.43
C GLN A 205 17.86 -12.73 -12.46
N LYS A 206 18.85 -13.33 -11.82
CA LYS A 206 19.00 -14.78 -11.86
C LYS A 206 18.95 -15.43 -10.51
N ASP A 207 19.47 -14.75 -9.47
CA ASP A 207 19.42 -15.25 -8.11
C ASP A 207 18.23 -14.59 -7.42
N TRP A 208 17.13 -15.33 -7.28
CA TRP A 208 15.90 -14.81 -6.72
C TRP A 208 15.79 -15.07 -5.22
N THR A 209 16.89 -15.34 -4.53
CA THR A 209 16.85 -15.58 -3.09
C THR A 209 16.10 -14.45 -2.39
N PRO A 210 15.01 -14.74 -1.66
CA PRO A 210 14.27 -13.68 -0.95
C PRO A 210 14.93 -13.36 0.37
N ALA A 211 14.98 -12.08 0.72
CA ALA A 211 15.34 -11.73 2.09
C ALA A 211 14.18 -12.09 3.00
N ARG A 212 14.50 -12.47 4.25
CA ARG A 212 13.45 -12.69 5.22
C ARG A 212 12.75 -11.37 5.53
N GLY A 213 11.42 -11.41 5.60
CA GLY A 213 10.66 -10.18 5.83
C GLY A 213 10.89 -9.63 7.23
N GLN A 214 10.66 -8.32 7.38
CA GLN A 214 10.82 -7.69 8.68
C GLN A 214 9.99 -6.42 8.73
N VAL A 215 9.89 -5.84 9.94
CA VAL A 215 9.13 -4.62 10.20
C VAL A 215 10.04 -3.66 10.95
N TRP A 216 10.10 -2.40 10.46
CA TRP A 216 10.86 -1.31 11.06
C TRP A 216 9.93 -0.43 11.88
N THR A 217 10.49 0.29 12.84
CA THR A 217 9.87 1.50 13.35
C THR A 217 10.69 2.70 12.88
N LEU A 218 10.01 3.82 12.66
CA LEU A 218 10.70 5.06 12.30
C LEU A 218 10.09 6.20 13.10
N ASP A 219 10.92 6.93 13.82
CA ASP A 219 10.49 8.14 14.53
C ASP A 219 10.68 9.33 13.60
N THR A 220 9.57 9.86 13.08
CA THR A 220 9.67 10.95 12.12
C THR A 220 10.10 12.27 12.75
N VAL A 221 10.18 12.36 14.08
CA VAL A 221 10.69 13.59 14.68
C VAL A 221 12.22 13.59 14.66
N THR A 222 12.83 12.51 15.14
CA THR A 222 14.27 12.41 15.28
C THR A 222 14.96 11.70 14.14
N GLY A 223 14.21 10.94 13.34
CA GLY A 223 14.80 10.18 12.27
C GLY A 223 15.27 8.80 12.68
N ALA A 224 15.18 8.48 13.98
CA ALA A 224 15.70 7.20 14.48
C ALA A 224 14.84 6.04 14.02
N HIS A 225 15.49 4.91 13.70
CA HIS A 225 14.77 3.79 13.13
C HIS A 225 15.53 2.50 13.44
N GLU A 226 14.77 1.41 13.55
CA GLU A 226 15.33 0.09 13.83
C GLU A 226 14.30 -0.98 13.48
N VAL A 227 14.79 -2.20 13.24
CA VAL A 227 13.90 -3.34 13.05
C VAL A 227 13.31 -3.76 14.39
N VAL A 228 11.99 -3.91 14.45
CA VAL A 228 11.29 -4.30 15.67
C VAL A 228 10.66 -5.67 15.59
N PHE A 229 10.56 -6.26 14.40
CA PHE A 229 9.99 -7.60 14.30
C PHE A 229 10.54 -8.26 13.04
N ALA A 230 11.04 -9.49 13.18
CA ALA A 230 11.69 -10.15 12.05
C ALA A 230 11.67 -11.66 12.28
N ASN A 231 12.09 -12.40 11.26
CA ASN A 231 12.40 -13.82 11.36
C ASN A 231 11.18 -14.64 11.78
N ASP A 232 10.10 -14.49 11.02
CA ASP A 232 8.89 -15.28 11.19
C ASP A 232 8.34 -15.60 9.80
N THR A 233 7.99 -16.86 9.55
CA THR A 233 7.63 -17.26 8.19
C THR A 233 6.37 -16.54 7.70
N ALA A 234 5.59 -15.96 8.62
CA ALA A 234 4.44 -15.15 8.19
C ALA A 234 4.87 -13.90 7.44
N LEU A 235 6.12 -13.48 7.57
CA LEU A 235 6.69 -12.34 6.87
C LEU A 235 7.36 -12.72 5.56
N ASP A 236 7.45 -14.01 5.24
CA ASP A 236 8.36 -14.53 4.22
C ASP A 236 7.60 -15.01 3.00
N THR A 237 8.33 -15.17 1.90
CA THR A 237 7.77 -15.83 0.73
C THR A 237 8.65 -17.02 0.37
N THR A 238 8.02 -18.07 -0.17
CA THR A 238 8.76 -19.16 -0.80
C THR A 238 8.39 -19.30 -2.27
N TYR A 239 7.77 -18.26 -2.83
CA TYR A 239 7.37 -18.19 -4.24
C TYR A 239 6.31 -19.24 -4.61
N ARG A 240 5.47 -19.59 -3.63
CA ARG A 240 4.30 -20.41 -3.93
C ARG A 240 3.39 -19.75 -4.96
N HIS A 241 3.37 -18.42 -4.96
CA HIS A 241 2.60 -17.64 -5.93
C HIS A 241 3.48 -17.05 -7.04
N GLY A 242 4.64 -17.65 -7.30
CA GLY A 242 5.56 -17.04 -8.25
C GLY A 242 6.37 -15.94 -7.58
N TYR A 243 7.17 -15.24 -8.38
CA TYR A 243 8.05 -14.23 -7.80
C TYR A 243 7.18 -13.10 -7.26
N ASP A 244 7.47 -12.69 -6.03
CA ASP A 244 6.55 -11.79 -5.33
C ASP A 244 7.20 -11.33 -4.03
N VAL A 245 6.41 -10.79 -3.11
CA VAL A 245 6.90 -10.48 -1.77
C VAL A 245 6.17 -11.38 -0.77
N GLY A 246 6.67 -11.38 0.46
CA GLY A 246 5.94 -11.96 1.57
C GLY A 246 5.03 -10.94 2.21
N ILE A 247 5.40 -10.39 3.37
CA ILE A 247 4.62 -9.31 3.94
C ILE A 247 4.58 -8.16 2.94
N ASN A 248 3.37 -7.63 2.72
CA ASN A 248 3.15 -6.51 1.83
C ASN A 248 2.52 -5.36 2.63
N GLY A 249 1.24 -5.06 2.41
CA GLY A 249 0.65 -3.90 3.07
C GLY A 249 0.42 -4.16 4.56
N ILE A 250 0.48 -3.08 5.36
CA ILE A 250 0.24 -3.13 6.80
C ILE A 250 -0.78 -2.08 7.20
N LYS A 251 -1.48 -2.36 8.31
CA LYS A 251 -2.34 -1.40 8.99
C LYS A 251 -2.27 -1.73 10.48
N ILE A 252 -2.47 -0.72 11.33
CA ILE A 252 -2.47 -0.93 12.78
C ILE A 252 -3.85 -0.57 13.31
N ARG A 253 -4.42 -1.44 14.13
CA ARG A 253 -5.73 -1.23 14.71
C ARG A 253 -5.68 -1.61 16.19
N ARG A 254 -6.09 -0.69 17.06
CA ARG A 254 -5.92 -0.85 18.50
C ARG A 254 -4.47 -1.24 18.77
N ASP A 255 -4.21 -2.35 19.44
CA ASP A 255 -2.83 -2.74 19.70
C ASP A 255 -2.42 -3.95 18.87
N TRP A 256 -2.93 -4.02 17.64
CA TRP A 256 -2.61 -5.09 16.69
C TRP A 256 -1.96 -4.52 15.44
N LEU A 257 -0.82 -5.11 15.04
CA LEU A 257 -0.28 -4.93 13.70
C LEU A 257 -0.92 -5.95 12.78
N TYR A 258 -1.58 -5.49 11.71
CA TYR A 258 -2.14 -6.38 10.70
C TYR A 258 -1.32 -6.28 9.43
N TRP A 259 -1.22 -7.39 8.69
CA TRP A 259 -0.59 -7.36 7.38
C TRP A 259 -1.13 -8.48 6.51
N VAL A 260 -0.95 -8.31 5.19
CA VAL A 260 -1.24 -9.38 4.25
C VAL A 260 0.09 -9.97 3.77
N ASN A 261 0.07 -11.26 3.45
CA ASN A 261 1.22 -11.93 2.87
C ASN A 261 0.86 -12.27 1.43
N SER A 262 1.68 -11.79 0.47
CA SER A 262 1.33 -11.99 -0.92
C SER A 262 1.59 -13.41 -1.40
N ASP A 263 2.25 -14.25 -0.60
CA ASP A 263 2.62 -15.59 -1.05
C ASP A 263 1.84 -16.75 -0.44
N ASP A 264 1.32 -16.63 0.78
CA ASP A 264 0.71 -17.79 1.42
C ASP A 264 -0.81 -17.69 1.57
N GLY A 265 -1.43 -16.64 1.02
CA GLY A 265 -2.88 -16.48 1.10
C GLY A 265 -3.40 -15.90 2.40
N ASN A 266 -2.56 -15.64 3.39
CA ASN A 266 -3.04 -15.29 4.73
C ASN A 266 -3.02 -13.78 5.00
N ILE A 267 -4.05 -13.31 5.72
CA ILE A 267 -4.02 -12.04 6.44
C ILE A 267 -3.69 -12.36 7.90
N TYR A 268 -2.71 -11.65 8.46
CA TYR A 268 -2.18 -11.90 9.78
C TYR A 268 -2.40 -10.71 10.68
N ARG A 269 -2.40 -10.96 11.98
CA ARG A 269 -2.23 -9.89 12.95
C ARG A 269 -1.32 -10.34 14.08
N LEU A 270 -0.73 -9.36 14.75
CA LEU A 270 0.26 -9.57 15.80
C LEU A 270 0.05 -8.54 16.89
N LYS A 271 -0.01 -8.97 18.15
CA LYS A 271 -0.17 -8.06 19.27
C LYS A 271 1.15 -7.34 19.58
N ILE A 272 1.12 -6.01 19.61
CA ILE A 272 2.34 -5.23 19.79
C ILE A 272 2.21 -4.30 21.01
N ASP A 273 3.37 -3.94 21.56
CA ASP A 273 3.44 -2.97 22.64
C ASP A 273 3.55 -1.57 22.08
N LYS A 274 3.75 -0.58 22.94
CA LYS A 274 3.67 0.80 22.48
C LYS A 274 4.93 1.28 21.77
N THR A 275 6.00 0.47 21.72
CA THR A 275 7.13 0.80 20.85
C THR A 275 7.09 0.05 19.54
N GLY A 276 6.07 -0.78 19.30
CA GLY A 276 5.98 -1.56 18.08
C GLY A 276 6.52 -2.96 18.18
N HIS A 277 7.17 -3.33 19.29
CA HIS A 277 7.66 -4.69 19.41
C HIS A 277 6.50 -5.63 19.75
N ALA A 278 6.70 -6.90 19.40
CA ALA A 278 5.69 -7.90 19.66
C ALA A 278 5.58 -8.19 21.16
N VAL A 279 4.39 -8.56 21.59
CA VAL A 279 4.14 -8.93 22.98
C VAL A 279 4.38 -10.44 23.10
N PRO A 280 5.32 -10.88 23.92
CA PRO A 280 5.65 -12.33 24.01
C PRO A 280 4.40 -13.16 24.24
N PRO A 281 4.28 -14.34 23.60
CA PRO A 281 5.30 -15.06 22.82
C PRO A 281 5.47 -14.64 21.36
N ALA A 282 4.79 -13.59 20.90
CA ALA A 282 5.09 -12.99 19.59
C ALA A 282 4.74 -13.91 18.43
N LYS A 283 3.56 -14.52 18.50
CA LYS A 283 3.20 -15.43 17.42
C LYS A 283 2.10 -14.83 16.56
N PRO A 284 2.35 -14.61 15.27
CA PRO A 284 1.30 -14.07 14.40
C PRO A 284 0.10 -15.01 14.34
N GLU A 285 -1.06 -14.41 14.09
CA GLU A 285 -2.35 -15.08 14.09
C GLU A 285 -3.03 -14.88 12.74
N VAL A 286 -3.54 -15.95 12.15
CA VAL A 286 -4.23 -15.84 10.87
C VAL A 286 -5.62 -15.26 11.10
N VAL A 287 -5.96 -14.16 10.41
CA VAL A 287 -7.33 -13.64 10.55
C VAL A 287 -8.19 -14.05 9.37
N ALA A 288 -7.58 -14.33 8.22
CA ALA A 288 -8.36 -14.75 7.05
C ALA A 288 -7.45 -15.45 6.06
N PHE A 289 -8.06 -16.24 5.19
CA PHE A 289 -7.34 -16.92 4.12
C PHE A 289 -8.12 -16.82 2.83
N GLN A 290 -7.39 -16.61 1.73
CA GLN A 290 -7.94 -16.67 0.38
C GLN A 290 -6.74 -16.94 -0.52
N ASP A 291 -6.90 -17.85 -1.48
CA ASP A 291 -5.77 -18.19 -2.37
C ASP A 291 -5.67 -17.10 -3.45
N THR A 292 -5.13 -15.94 -3.05
CA THR A 292 -4.97 -14.82 -3.96
C THR A 292 -3.72 -14.06 -3.55
N ILE A 293 -3.19 -13.28 -4.48
CA ILE A 293 -1.99 -12.47 -4.23
C ILE A 293 -2.46 -11.14 -3.63
N TRP A 294 -2.45 -11.08 -2.30
CA TRP A 294 -2.80 -9.85 -1.59
C TRP A 294 -1.79 -8.75 -1.86
N ASP A 295 -2.25 -7.50 -1.79
CA ASP A 295 -1.33 -6.36 -1.90
C ASP A 295 -1.47 -5.41 -0.72
N ASP A 296 -2.59 -4.68 -0.64
CA ASP A 296 -2.82 -3.85 0.54
C ASP A 296 -4.30 -3.86 0.88
N PHE A 297 -4.64 -3.22 1.99
CA PHE A 297 -5.98 -3.38 2.55
C PHE A 297 -6.25 -2.20 3.47
N THR A 298 -7.49 -2.13 3.96
CA THR A 298 -7.93 -1.14 4.93
C THR A 298 -9.05 -1.73 5.76
N PHE A 299 -9.32 -1.12 6.93
CA PHE A 299 -10.52 -1.38 7.70
C PHE A 299 -11.57 -0.32 7.37
N GLY A 300 -12.84 -0.69 7.48
CA GLY A 300 -13.90 0.28 7.30
C GLY A 300 -15.19 -0.36 6.81
N PRO A 301 -16.18 0.48 6.46
CA PRO A 301 -16.13 1.94 6.57
C PRO A 301 -16.21 2.45 8.01
N GLU A 302 -15.79 3.70 8.23
CA GLU A 302 -15.79 4.36 9.54
C GLU A 302 -15.13 3.51 10.62
N HIS A 303 -15.89 3.07 11.61
CA HIS A 303 -15.31 2.32 12.72
C HIS A 303 -15.47 0.80 12.59
N GLU A 304 -16.04 0.32 11.49
CA GLU A 304 -16.23 -1.11 11.33
C GLU A 304 -14.89 -1.83 11.19
N ASP A 305 -14.85 -3.06 11.69
CA ASP A 305 -13.63 -3.87 11.68
C ASP A 305 -13.61 -4.85 10.51
N THR A 306 -14.45 -4.64 9.51
CA THR A 306 -14.36 -5.39 8.26
C THR A 306 -13.09 -4.97 7.51
N ILE A 307 -12.40 -5.96 6.91
CA ILE A 307 -11.21 -5.71 6.09
C ILE A 307 -11.61 -5.69 4.62
N TRP A 308 -11.18 -4.65 3.91
CA TRP A 308 -11.29 -4.54 2.46
C TRP A 308 -9.87 -4.62 1.89
N ALA A 309 -9.60 -5.67 1.09
CA ALA A 309 -8.25 -5.98 0.63
C ALA A 309 -8.21 -6.17 -0.88
N THR A 310 -7.15 -5.66 -1.52
CA THR A 310 -6.95 -5.93 -2.94
C THR A 310 -6.27 -7.29 -3.13
N GLY A 311 -6.73 -8.03 -4.13
CA GLY A 311 -6.20 -9.33 -4.49
C GLY A 311 -5.79 -9.36 -5.95
N PHE A 312 -5.81 -10.55 -6.55
CA PHE A 312 -5.33 -10.73 -7.92
C PHE A 312 -6.44 -10.28 -8.87
N ASN A 313 -6.33 -9.05 -9.38
CA ASN A 313 -7.32 -8.44 -10.26
C ASN A 313 -8.72 -8.43 -9.66
N ALA A 314 -8.82 -8.35 -8.34
CA ALA A 314 -10.12 -8.47 -7.69
C ALA A 314 -10.05 -7.82 -6.31
N ILE A 315 -11.23 -7.45 -5.79
CA ILE A 315 -11.35 -6.82 -4.48
C ILE A 315 -12.14 -7.75 -3.58
N PHE A 316 -11.71 -7.85 -2.32
CA PHE A 316 -12.25 -8.79 -1.37
C PHE A 316 -12.64 -8.07 -0.09
N ALA A 317 -13.67 -8.57 0.57
CA ALA A 317 -14.04 -8.16 1.92
C ALA A 317 -13.93 -9.35 2.84
N ALA A 318 -13.38 -9.14 4.03
CA ALA A 318 -13.14 -10.23 4.97
C ALA A 318 -13.69 -9.85 6.34
N SER A 319 -14.56 -10.70 6.88
CA SER A 319 -15.11 -10.53 8.23
C SER A 319 -14.05 -10.83 9.28
N PRO A 320 -14.23 -10.32 10.51
CA PRO A 320 -13.27 -10.65 11.58
C PRO A 320 -13.22 -12.14 11.92
N GLN A 321 -14.25 -12.92 11.56
CA GLN A 321 -14.24 -14.35 11.81
C GLN A 321 -13.61 -15.14 10.66
N GLY A 322 -13.18 -14.46 9.60
CA GLY A 322 -12.47 -15.11 8.53
C GLY A 322 -13.27 -15.41 7.29
N LYS A 323 -14.50 -14.92 7.20
CA LYS A 323 -15.28 -15.14 5.99
C LYS A 323 -14.85 -14.14 4.93
N VAL A 324 -14.60 -14.63 3.71
CA VAL A 324 -14.03 -13.84 2.63
C VAL A 324 -14.96 -13.90 1.43
N VAL A 325 -15.30 -12.73 0.89
CA VAL A 325 -16.23 -12.57 -0.23
C VAL A 325 -15.52 -11.76 -1.31
N THR A 326 -15.72 -12.15 -2.58
CA THR A 326 -15.20 -11.37 -3.70
C THR A 326 -16.26 -10.35 -4.11
N VAL A 327 -15.95 -9.06 -3.94
CA VAL A 327 -16.97 -8.05 -4.16
C VAL A 327 -16.80 -7.29 -5.47
N ASN A 328 -15.62 -7.35 -6.10
CA ASN A 328 -15.39 -6.67 -7.37
C ASN A 328 -14.30 -7.39 -8.16
N GLY A 329 -14.35 -7.19 -9.47
CA GLY A 329 -13.27 -7.68 -10.33
C GLY A 329 -13.45 -9.13 -10.73
N VAL A 330 -12.30 -9.79 -10.97
CA VAL A 330 -12.32 -11.16 -11.47
C VAL A 330 -13.04 -12.07 -10.48
N GLY A 331 -13.91 -12.93 -11.01
CA GLY A 331 -14.75 -13.78 -10.20
C GLY A 331 -16.13 -13.23 -9.96
N THR A 332 -16.43 -12.03 -10.48
CA THR A 332 -17.76 -11.47 -10.56
C THR A 332 -17.99 -11.03 -12.01
N SER A 333 -19.18 -10.48 -12.27
CA SER A 333 -19.47 -10.01 -13.62
C SER A 333 -18.65 -8.79 -14.03
N ASP A 334 -17.93 -8.17 -13.09
CA ASP A 334 -16.94 -7.16 -13.46
C ASP A 334 -15.92 -7.70 -14.45
N ASN A 335 -15.59 -9.00 -14.34
CA ASN A 335 -14.62 -9.66 -15.23
C ASN A 335 -13.29 -8.93 -15.09
N GLY A 336 -12.64 -8.53 -16.18
CA GLY A 336 -11.31 -7.98 -16.10
C GLY A 336 -11.26 -6.46 -16.11
N ILE A 337 -12.29 -5.82 -15.56
CA ILE A 337 -12.37 -4.37 -15.67
C ILE A 337 -11.38 -3.65 -14.75
N MET A 338 -10.82 -4.31 -13.73
CA MET A 338 -9.88 -3.65 -12.82
C MET A 338 -8.63 -4.51 -12.65
N PRO A 339 -7.78 -4.55 -13.68
CA PRO A 339 -6.55 -5.34 -13.57
C PRO A 339 -5.51 -4.66 -12.68
N GLY A 340 -4.85 -5.48 -11.88
CA GLY A 340 -3.78 -5.03 -11.01
C GLY A 340 -4.12 -3.96 -9.99
N PRO A 341 -5.14 -4.18 -9.15
CA PRO A 341 -5.36 -3.25 -8.04
C PRO A 341 -4.22 -3.35 -7.05
N THR A 342 -3.85 -2.23 -6.45
CA THR A 342 -2.70 -2.21 -5.56
C THR A 342 -3.00 -1.82 -4.12
N ALA A 343 -4.00 -0.95 -3.86
CA ALA A 343 -4.30 -0.51 -2.49
C ALA A 343 -5.70 0.07 -2.47
N CYS A 344 -6.27 0.27 -1.26
CA CYS A 344 -7.58 0.91 -1.18
C CYS A 344 -7.72 1.67 0.14
N ALA A 345 -8.63 2.65 0.14
CA ALA A 345 -8.88 3.48 1.30
C ALA A 345 -10.25 4.13 1.17
N PHE A 346 -10.94 4.28 2.30
CA PHE A 346 -12.29 4.85 2.30
C PHE A 346 -12.24 6.37 2.26
N GLY A 347 -13.28 6.95 1.66
CA GLY A 347 -13.43 8.39 1.71
C GLY A 347 -13.58 8.89 3.13
N ARG A 348 -13.20 10.16 3.32
CA ARG A 348 -13.20 10.79 4.62
C ARG A 348 -14.12 12.02 4.71
N SER A 349 -14.75 12.46 3.63
CA SER A 349 -15.71 13.57 3.74
C SER A 349 -17.00 13.06 4.39
N PRO A 350 -17.81 13.97 4.94
CA PRO A 350 -19.10 13.54 5.51
C PRO A 350 -20.00 12.87 4.51
N HIS A 351 -19.75 13.05 3.20
CA HIS A 351 -20.67 12.58 2.16
C HIS A 351 -20.06 11.52 1.24
N ASP A 352 -18.91 10.89 1.63
CA ASP A 352 -18.39 9.73 0.89
C ASP A 352 -17.66 8.73 1.79
N ARG A 353 -18.09 8.58 3.05
CA ARG A 353 -17.45 7.65 3.98
C ARG A 353 -17.56 6.18 3.53
N ASN A 354 -18.56 5.83 2.72
CA ASN A 354 -18.74 4.46 2.27
C ASN A 354 -18.05 4.17 0.93
N ILE A 355 -17.39 5.16 0.34
CA ILE A 355 -16.76 4.97 -0.96
C ILE A 355 -15.35 4.46 -0.72
N LEU A 356 -15.03 3.31 -1.29
CA LEU A 356 -13.71 2.72 -1.22
C LEU A 356 -12.96 3.10 -2.49
N TYR A 357 -11.92 3.91 -2.35
CA TYR A 357 -11.12 4.32 -3.49
C TYR A 357 -9.98 3.32 -3.66
N VAL A 358 -9.76 2.89 -4.91
CA VAL A 358 -8.84 1.79 -5.22
C VAL A 358 -7.82 2.29 -6.23
N THR A 359 -6.52 2.09 -5.91
CA THR A 359 -5.45 2.35 -6.84
C THR A 359 -5.12 1.06 -7.58
N GLY A 360 -4.57 1.22 -8.79
CA GLY A 360 -4.16 0.07 -9.58
C GLY A 360 -3.01 0.43 -10.51
N ASN A 361 -2.37 -0.61 -11.08
CA ASN A 361 -1.21 -0.33 -11.91
C ASN A 361 -1.19 -1.06 -13.25
N MET A 362 -2.29 -1.67 -13.69
CA MET A 362 -2.28 -2.38 -14.97
C MET A 362 -3.40 -1.93 -15.91
N GLY A 363 -3.10 -1.95 -17.20
CA GLY A 363 -4.06 -1.59 -18.21
C GLY A 363 -4.75 -2.77 -18.87
N GLU A 364 -4.23 -3.98 -18.66
CA GLU A 364 -4.85 -5.23 -19.09
C GLU A 364 -4.53 -6.32 -18.07
N ILE A 365 -5.35 -7.38 -18.08
CA ILE A 365 -5.05 -8.58 -17.28
C ILE A 365 -3.76 -9.21 -17.78
N PRO A 366 -2.77 -9.47 -16.93
CA PRO A 366 -1.49 -9.99 -17.43
C PRO A 366 -1.53 -11.50 -17.63
N VAL A 367 -0.90 -11.95 -18.73
CA VAL A 367 -0.78 -13.39 -18.97
C VAL A 367 0.19 -14.02 -17.98
N ASP A 368 1.36 -13.41 -17.81
CA ASP A 368 2.34 -13.80 -16.81
C ASP A 368 3.10 -12.55 -16.40
N ILE A 369 3.87 -12.65 -15.30
CA ILE A 369 4.48 -11.43 -14.77
C ILE A 369 5.55 -10.84 -15.69
N GLU A 370 5.99 -11.57 -16.71
CA GLU A 370 6.97 -11.06 -17.65
C GLU A 370 6.34 -10.32 -18.83
N HIS A 371 5.01 -10.19 -18.89
CA HIS A 371 4.33 -9.48 -19.96
C HIS A 371 3.27 -8.54 -19.41
N VAL A 372 3.67 -7.72 -18.46
CA VAL A 372 2.74 -6.80 -17.82
C VAL A 372 2.61 -5.53 -18.65
N HIS A 373 1.37 -5.07 -18.83
CA HIS A 373 1.13 -3.76 -19.44
C HIS A 373 0.76 -2.81 -18.32
N LEU A 374 1.74 -2.03 -17.87
CA LEU A 374 1.53 -1.07 -16.78
C LEU A 374 0.64 0.09 -17.22
N LYS A 375 -0.31 0.46 -16.35
CA LYS A 375 -1.08 1.69 -16.54
C LYS A 375 -1.72 2.03 -15.20
N GLY A 376 -1.44 3.21 -14.67
CA GLY A 376 -1.97 3.57 -13.35
C GLY A 376 -3.42 4.01 -13.46
N TRP A 377 -4.22 3.65 -12.46
CA TRP A 377 -5.61 4.10 -12.42
C TRP A 377 -6.08 4.26 -10.97
N VAL A 378 -7.19 5.00 -10.81
CA VAL A 378 -7.91 5.05 -9.55
C VAL A 378 -9.40 4.87 -9.83
N ARG A 379 -10.03 3.92 -9.13
CA ARG A 379 -11.47 3.67 -9.22
C ARG A 379 -12.08 3.91 -7.84
N ALA A 380 -13.42 3.99 -7.81
CA ALA A 380 -14.15 4.20 -6.56
C ALA A 380 -15.28 3.19 -6.49
N ILE A 381 -15.38 2.49 -5.37
CA ILE A 381 -16.35 1.41 -5.17
C ILE A 381 -17.33 1.87 -4.11
N ASP A 382 -18.64 1.71 -4.38
CA ASP A 382 -19.67 2.10 -3.40
C ASP A 382 -20.04 0.88 -2.56
N THR A 383 -19.59 0.85 -1.31
CA THR A 383 -19.86 -0.27 -0.42
C THR A 383 -21.16 -0.13 0.36
N THR A 384 -21.95 0.91 0.09
CA THR A 384 -23.17 1.18 0.85
C THR A 384 -24.06 -0.05 0.91
N GLY A 385 -24.44 -0.45 2.11
CA GLY A 385 -25.31 -1.58 2.31
C GLY A 385 -24.66 -2.94 2.32
N PHE A 386 -23.33 -3.04 2.19
CA PHE A 386 -22.70 -4.35 2.25
C PHE A 386 -22.69 -4.84 3.70
N HIS A 387 -23.01 -6.12 3.89
CA HIS A 387 -22.91 -6.77 5.18
C HIS A 387 -22.74 -8.26 4.97
N PHE A 388 -22.17 -8.92 5.97
CA PHE A 388 -21.94 -10.37 5.91
C PHE A 388 -23.17 -11.16 6.36
C1 NAG B . 16.86 -12.22 12.18
C2 NAG B . 17.52 -11.20 13.10
C3 NAG B . 18.81 -10.69 12.48
C4 NAG B . 19.72 -11.83 12.04
C5 NAG B . 18.95 -12.85 11.22
C6 NAG B . 19.75 -14.11 10.93
C7 NAG B . 16.23 -9.73 14.59
C8 NAG B . 15.32 -8.53 14.67
N2 NAG B . 16.62 -10.08 13.37
O3 NAG B . 19.48 -9.81 13.38
O4 NAG B . 20.70 -11.27 11.17
O5 NAG B . 17.76 -13.26 11.90
O6 NAG B . 20.35 -14.61 12.12
O7 NAG B . 16.57 -10.35 15.59
C1 NAG B . 22.08 -11.43 11.52
C2 NAG B . 22.89 -11.15 10.25
C3 NAG B . 24.40 -11.11 10.54
C4 NAG B . 24.73 -10.35 11.82
C5 NAG B . 23.79 -10.74 12.95
C6 NAG B . 23.98 -9.91 14.20
C7 NAG B . 21.78 -11.98 8.20
C8 NAG B . 21.65 -13.15 7.25
N2 NAG B . 22.62 -12.16 9.23
O3 NAG B . 25.04 -10.45 9.44
O4 NAG B . 26.04 -10.70 12.25
O5 NAG B . 22.43 -10.54 12.52
O6 NAG B . 23.74 -8.54 13.94
O7 NAG B . 21.15 -10.94 8.04
C1 BMA B . 27.05 -9.75 11.88
C2 BMA B . 28.26 -10.00 12.81
C3 BMA B . 29.36 -9.01 12.46
C4 BMA B . 29.72 -9.13 10.97
C5 BMA B . 28.44 -8.97 10.09
C6 BMA B . 28.69 -9.21 8.59
O2 BMA B . 28.79 -11.29 12.53
O3 BMA B . 30.51 -9.18 13.30
O4 BMA B . 30.64 -8.12 10.61
O5 BMA B . 27.43 -9.89 10.54
O6 BMA B . 27.42 -9.03 7.92
C1 MAN B . 27.68 -8.87 6.52
C2 MAN B . 26.39 -8.29 5.91
C3 MAN B . 25.25 -9.31 5.88
C4 MAN B . 25.71 -10.72 5.36
C5 MAN B . 26.95 -11.16 6.13
C6 MAN B . 27.50 -12.48 5.59
O2 MAN B . 26.66 -7.95 4.55
O3 MAN B . 24.19 -8.86 5.02
O4 MAN B . 24.63 -11.69 5.54
O5 MAN B . 27.98 -10.15 5.98
O6 MAN B . 27.91 -12.25 4.23
C1 MAN B . 28.21 -13.47 3.52
C2 MAN B . 28.59 -13.07 2.08
C3 MAN B . 27.36 -12.57 1.33
C4 MAN B . 26.22 -13.63 1.40
C5 MAN B . 25.90 -13.91 2.88
C6 MAN B . 24.82 -14.97 3.10
O2 MAN B . 29.06 -14.21 1.32
O3 MAN B . 27.67 -12.30 -0.03
O4 MAN B . 25.07 -13.16 0.74
O5 MAN B . 27.11 -14.39 3.53
O6 MAN B . 25.26 -16.17 2.43
C1 MAN B . 30.50 -14.33 1.33
C2 MAN B . 30.86 -15.37 0.26
C3 MAN B . 30.33 -16.76 0.70
C4 MAN B . 30.85 -17.16 2.09
C5 MAN B . 30.56 -16.05 3.12
C6 MAN B . 31.26 -16.29 4.47
O2 MAN B . 32.27 -15.49 0.13
O3 MAN B . 30.63 -17.78 -0.24
O4 MAN B . 30.20 -18.38 2.52
O5 MAN B . 31.03 -14.75 2.61
O6 MAN B . 30.56 -15.57 5.52
C1 MAN B . 22.95 -8.63 5.72
C2 MAN B . 21.87 -8.45 4.63
C3 MAN B . 22.08 -7.12 3.87
C4 MAN B . 22.23 -5.94 4.83
C5 MAN B . 23.33 -6.25 5.88
C6 MAN B . 23.48 -5.20 6.97
O2 MAN B . 20.59 -8.34 5.22
O3 MAN B . 21.00 -6.88 2.99
O4 MAN B . 22.55 -4.76 4.11
O5 MAN B . 23.02 -7.48 6.55
O6 MAN B . 24.88 -5.15 7.30
C1 NAG C . -1.39 1.58 -24.47
C2 NAG C . -1.39 2.09 -25.92
C3 NAG C . -2.46 1.38 -26.74
C4 NAG C . -2.29 -0.13 -26.65
C5 NAG C . -2.29 -0.55 -25.18
C6 NAG C . -2.06 -2.03 -24.99
C7 NAG C . -0.70 4.35 -26.56
C8 NAG C . -1.05 5.81 -26.54
N2 NAG C . -1.58 3.53 -25.98
O3 NAG C . -2.40 1.80 -28.11
O4 NAG C . -3.38 -0.75 -27.33
O5 NAG C . -1.27 0.15 -24.47
O6 NAG C . -2.12 -2.37 -23.61
O7 NAG C . 0.35 3.93 -27.05
C1 NAG C . -2.94 -1.54 -28.46
C2 NAG C . -4.06 -2.54 -28.78
C3 NAG C . -3.71 -3.37 -30.02
C4 NAG C . -3.34 -2.45 -31.18
C5 NAG C . -2.22 -1.51 -30.75
C6 NAG C . -1.82 -0.52 -31.83
C7 NAG C . -5.29 -3.26 -26.76
C8 NAG C . -6.20 -2.09 -27.02
N2 NAG C . -4.29 -3.42 -27.65
O3 NAG C . -4.83 -4.17 -30.38
O4 NAG C . -2.89 -3.23 -32.29
O5 NAG C . -2.66 -0.74 -29.62
O6 NAG C . -2.68 0.61 -31.84
O7 NAG C . -5.46 -4.02 -25.81
C10 813 D . -0.99 -8.12 -5.99
C11 813 D . 3.02 -8.29 -8.06
C12 813 D . 4.10 -8.73 -7.03
C13 813 D . 5.53 -9.16 -9.85
C14 813 D . 4.13 -8.94 -10.35
C15 813 D . 7.82 -7.88 -7.97
C16 813 D . 6.82 -6.74 -7.90
C17 813 D . 6.57 -8.32 -9.97
C18 813 D . 7.97 -8.49 -9.41
C01 813 D . 0.38 -8.55 -8.12
C02 813 D . 0.52 -8.89 -9.47
C03 813 D . -2.16 -8.19 -8.04
C04 813 D . -0.43 -8.71 -10.52
C05 813 D . -2.64 -8.13 -9.36
C07 813 D . -1.75 -8.34 -10.53
C09 813 D . -0.91 -8.37 -7.49
C19 813 D . 9.04 -7.68 -10.15
C20 813 D . 8.40 -9.98 -9.32
C21 813 D . 4.99 -7.66 -6.29
C23 813 D . 1.64 -8.15 -7.36
C24 813 D . 3.00 -9.23 -9.29
C25 813 D . 3.01 -10.72 -8.89
C27 813 D . 5.66 -6.63 -7.22
C28 813 D . 4.84 -5.37 -7.34
O06 813 D . -3.86 -7.91 -9.58
O08 813 D . -2.47 -8.64 -11.65
O22 813 D . 1.77 -8.98 -10.04
O26 813 D . 4.20 -7.05 -5.26
C01 80W E . 6.49 -1.58 -5.98
C02 80W E . 7.62 -1.63 -7.00
C03 80W E . 8.29 -2.89 -7.35
C04 80W E . 8.81 -3.71 -6.46
C05 80W E . 8.04 -4.37 -5.48
C06 80W E . 6.66 -3.93 -4.98
C09 80W E . 9.95 -4.60 -6.99
C10 80W E . 8.39 -5.65 -5.18
C12 80W E . 5.98 -2.67 -5.30
O07 80W E . 7.93 -0.56 -7.56
O08 80W E . 5.77 -0.47 -6.04
O11 80W E . 6.06 -4.73 -4.27
C1 EDO F . 18.14 14.08 6.86
O1 EDO F . 18.08 15.22 6.00
C2 EDO F . 19.56 13.53 6.87
O2 EDO F . 19.60 12.37 7.70
C1 EDO G . -11.86 10.74 11.23
O1 EDO G . -10.55 11.34 11.24
C2 EDO G . -12.42 10.92 9.84
O2 EDO G . -11.60 10.14 8.97
C1 EDO H . 21.32 -16.97 0.52
O1 EDO H . 22.20 -16.98 1.65
C2 EDO H . 21.91 -17.79 -0.61
O2 EDO H . 20.98 -17.96 -1.69
C1 EDO I . 10.28 18.81 -6.97
O1 EDO I . 9.79 20.15 -6.75
C2 EDO I . 9.52 18.16 -8.13
O2 EDO I . 8.14 18.02 -7.79
C1 EDO J . -7.65 21.42 -2.86
O1 EDO J . -8.61 20.69 -2.10
C2 EDO J . -6.86 22.36 -1.95
O2 EDO J . -6.05 21.59 -1.05
O1 MES K . 26.18 1.51 11.41
C2 MES K . 25.61 2.82 11.42
C3 MES K . 24.08 2.81 11.43
N4 MES K . 23.56 1.82 10.48
C5 MES K . 24.13 0.48 10.59
C6 MES K . 25.64 0.63 10.42
C7 MES K . 22.12 1.90 10.24
C8 MES K . 21.73 1.30 8.89
S MES K . 20.09 1.54 8.66
O1S MES K . 19.89 3.00 8.51
O2S MES K . 19.58 0.87 7.43
O3S MES K . 19.31 1.03 9.81
CA CA L . 2.24 -2.96 -2.05
S DMS M . 5.28 -1.24 -20.09
O DMS M . 4.33 -1.97 -19.18
C1 DMS M . 4.44 0.07 -21.02
C2 DMS M . 6.49 -0.28 -19.14
C1 GOL N . -9.07 -7.48 20.63
O1 GOL N . -8.07 -7.84 21.53
C2 GOL N . -9.26 -8.69 19.69
O2 GOL N . -9.55 -9.85 20.39
C3 GOL N . -10.38 -8.29 18.69
O3 GOL N . -10.06 -7.01 18.23
#